data_4XHO
#
_entry.id   4XHO
#
_cell.length_a   55.830
_cell.length_b   73.156
_cell.length_c   113.726
_cell.angle_alpha   90.000
_cell.angle_beta   90.000
_cell.angle_gamma   90.000
#
_symmetry.space_group_name_H-M   'P 2 21 21'
#
loop_
_entity.id
_entity.type
_entity.pdbx_description
1 polymer 'Uncharacterized protein'
2 non-polymer "ADENOSINE-5'-TRIPHOSPHATE"
3 non-polymer 'MAGNESIUM ION'
4 water water
#
_entity_poly.entity_id   1
_entity_poly.type   'polypeptide(L)'
_entity_poly.pdbx_seq_one_letter_code
;MVEQMLSKNMLLGGFDTGNIKAKISFLNEKGNIESFAIPTVIAEAPPAKIDLKSAPSKKNDYVNEKDEDIELLHVRIISN
SLDGDARSRAWYVGAYAKDQEDRQEPTVDEMGKTEDKFSQKNKKLHLIPLFTSMAVAAARIGKEEVSVPFSGGMPIEDYK
LRGEEQILEMLYGEHTVEFLDGTYEGKKIKITINDGTMNVEGVSSVLAILFDIVNGEIVEVEGMDAEIGESYAINDLGAG
TSDNAFFEDGELNKKLSTNTDLGTNKYIDEILKNIKERFMENEILKSFMTDEIESPFKTREDFIQRLVMPEVEKMIEDDT
YKPTFSVKWGPVKENVTDIVMDGMLKYAEDQKASLDKFWDKTNADKNIVVGGGVLFGYAGLRDLKEQDGFILPKNIQESA
YFTSRSYLIANLLEQLNKEGVEA
;
_entity_poly.pdbx_strand_id   A
#
loop_
_chem_comp.id
_chem_comp.type
_chem_comp.name
_chem_comp.formula
ATP non-polymer ADENOSINE-5'-TRIPHOSPHATE 'C10 H16 N5 O13 P3'
MG non-polymer 'MAGNESIUM ION' 'Mg 2'
#
# COMPACT_ATOMS: atom_id res chain seq x y z
N LYS A 8 20.55 13.44 14.36
CA LYS A 8 19.69 13.67 13.21
C LYS A 8 18.26 13.22 13.48
N ASN A 9 17.34 14.19 13.52
CA ASN A 9 15.94 13.91 13.78
C ASN A 9 15.13 13.71 12.52
N MET A 10 15.70 13.05 11.53
CA MET A 10 15.00 12.92 10.26
C MET A 10 14.43 11.51 10.07
N LEU A 11 13.16 11.49 9.68
CA LEU A 11 12.48 10.27 9.28
C LEU A 11 12.31 10.30 7.78
N LEU A 12 12.89 9.31 7.13
CA LEU A 12 12.88 9.25 5.68
C LEU A 12 11.85 8.22 5.22
N GLY A 13 10.91 8.63 4.38
CA GLY A 13 9.90 7.69 3.93
C GLY A 13 9.41 7.92 2.53
N GLY A 14 8.73 6.91 1.97
CA GLY A 14 7.93 7.05 0.77
C GLY A 14 6.48 6.85 1.14
N PHE A 15 5.58 7.71 0.68
CA PHE A 15 4.17 7.59 1.10
C PHE A 15 3.28 7.35 -0.10
N ASP A 16 2.61 6.19 -0.09
CA ASP A 16 1.74 5.78 -1.20
C ASP A 16 0.29 5.69 -0.71
N THR A 17 -0.41 6.82 -0.76
CA THR A 17 -1.75 6.86 -0.22
C THR A 17 -2.81 6.57 -1.27
N GLY A 18 -3.59 5.53 -1.03
CA GLY A 18 -4.78 5.31 -1.84
C GLY A 18 -6.02 5.30 -0.97
N ASN A 19 -7.13 4.83 -1.51
CA ASN A 19 -8.36 4.88 -0.74
C ASN A 19 -8.71 3.56 -0.06
N ILE A 20 -8.04 2.48 -0.45
CA ILE A 20 -8.03 1.29 0.41
C ILE A 20 -7.13 1.61 1.61
N LYS A 21 -5.82 1.77 1.36
CA LYS A 21 -4.89 2.02 2.46
C LYS A 21 -3.88 3.14 2.25
N ALA A 22 -3.29 3.56 3.35
CA ALA A 22 -2.15 4.46 3.31
C ALA A 22 -0.90 3.64 3.50
N LYS A 23 -0.06 3.53 2.49
CA LYS A 23 1.17 2.77 2.63
C LYS A 23 2.41 3.66 2.84
N ILE A 24 3.30 3.19 3.72
CA ILE A 24 4.56 3.87 3.97
C ILE A 24 5.75 2.90 3.93
N SER A 25 6.82 3.31 3.26
CA SER A 25 8.12 2.62 3.37
C SER A 25 9.11 3.64 3.91
N PHE A 26 9.87 3.27 4.94
CA PHE A 26 10.80 4.19 5.59
C PHE A 26 12.07 3.46 6.02
N LEU A 27 13.14 4.22 6.27
CA LEU A 27 14.36 3.66 6.84
C LEU A 27 14.27 3.52 8.34
N ASN A 28 14.38 2.31 8.85
CA ASN A 28 14.48 2.14 10.30
C ASN A 28 15.88 2.49 10.80
N GLU A 29 16.12 2.27 12.09
CA GLU A 29 17.39 2.60 12.73
C GLU A 29 18.53 1.77 12.16
N LYS A 30 18.19 0.61 11.61
CA LYS A 30 19.16 -0.26 10.97
C LYS A 30 19.44 0.15 9.52
N GLY A 31 18.82 1.23 9.05
CA GLY A 31 19.02 1.72 7.70
C GLY A 31 18.29 0.92 6.62
N ASN A 32 17.44 0.01 7.05
CA ASN A 32 16.70 -0.83 6.13
C ASN A 32 15.29 -0.32 5.86
N ILE A 33 14.69 -0.81 4.79
CA ILE A 33 13.31 -0.44 4.50
C ILE A 33 12.36 -1.25 5.37
N GLU A 34 11.38 -0.58 5.93
CA GLU A 34 10.35 -1.20 6.74
C GLU A 34 9.06 -0.65 6.18
N SER A 35 8.10 -1.52 5.91
CA SER A 35 6.88 -1.05 5.28
C SER A 35 5.66 -1.50 6.06
N PHE A 36 4.61 -0.68 6.03
CA PHE A 36 3.34 -1.07 6.62
C PHE A 36 2.21 -0.19 6.07
N ALA A 37 0.97 -0.64 6.27
CA ALA A 37 -0.19 0.06 5.72
C ALA A 37 -1.29 0.30 6.75
N ILE A 38 -1.83 1.51 6.73
CA ILE A 38 -2.96 1.86 7.55
C ILE A 38 -4.21 2.04 6.69
N PRO A 39 -5.25 1.22 6.93
CA PRO A 39 -6.54 1.35 6.25
C PRO A 39 -7.04 2.78 6.31
N THR A 40 -7.62 3.26 5.22
CA THR A 40 -8.01 4.65 5.13
C THR A 40 -9.38 4.82 5.78
N VAL A 41 -9.37 4.75 7.10
CA VAL A 41 -10.58 4.84 7.92
C VAL A 41 -10.28 5.62 9.21
N ILE A 42 -11.10 6.63 9.50
CA ILE A 42 -10.99 7.35 10.76
C ILE A 42 -12.35 7.41 11.43
N ALA A 43 -12.36 7.67 12.73
CA ALA A 43 -13.60 7.87 13.48
C ALA A 43 -13.32 8.80 14.64
N GLU A 44 -14.29 9.64 14.99
CA GLU A 44 -14.11 10.56 16.11
C GLU A 44 -13.95 9.79 17.42
N ALA A 45 -13.05 10.27 18.28
CA ALA A 45 -12.70 9.55 19.51
C ALA A 45 -12.54 10.50 20.70
N PRO A 46 -12.93 10.04 21.90
CA PRO A 46 -12.86 10.88 23.11
C PRO A 46 -11.44 11.31 23.46
N PRO A 47 -11.29 12.39 24.22
CA PRO A 47 -9.97 12.92 24.63
C PRO A 47 -9.03 11.89 25.27
N ALA A 48 -9.57 10.81 25.84
CA ALA A 48 -8.73 9.78 26.47
C ALA A 48 -9.29 8.37 26.24
N LYS A 49 -8.59 7.36 26.76
CA LYS A 49 -8.93 5.96 26.45
C LYS A 49 -9.94 5.34 27.41
N ILE A 50 -10.12 4.03 27.29
CA ILE A 50 -11.01 3.28 28.16
C ILE A 50 -10.28 2.75 29.40
N LYS A 66 3.96 -9.09 13.71
CA LYS A 66 4.00 -8.19 12.55
C LYS A 66 2.96 -7.06 12.64
N ASP A 67 3.44 -5.82 12.79
CA ASP A 67 2.60 -4.62 12.74
C ASP A 67 1.48 -4.59 13.80
N GLU A 68 1.76 -5.11 14.98
CA GLU A 68 0.79 -5.11 16.04
C GLU A 68 0.57 -3.68 16.57
N ASP A 69 1.55 -2.81 16.33
CA ASP A 69 1.50 -1.45 16.87
C ASP A 69 0.49 -0.59 16.14
N ILE A 70 -0.02 -1.06 15.01
CA ILE A 70 -1.08 -0.34 14.31
C ILE A 70 -2.42 -1.00 14.48
N GLU A 71 -2.48 -2.06 15.28
CA GLU A 71 -3.74 -2.74 15.55
C GLU A 71 -4.69 -1.89 16.38
N LEU A 72 -4.15 -1.01 17.20
CA LEU A 72 -4.99 -0.12 18.03
C LEU A 72 -4.44 1.28 18.00
N LEU A 73 -4.96 2.11 17.10
CA LEU A 73 -4.54 3.50 17.03
C LEU A 73 -5.62 4.47 17.53
N HIS A 74 -5.40 5.01 18.72
CA HIS A 74 -6.22 6.08 19.26
C HIS A 74 -5.29 7.26 19.42
N VAL A 75 -5.47 8.32 18.63
CA VAL A 75 -4.51 9.42 18.62
C VAL A 75 -5.11 10.82 18.72
N ARG A 76 -4.44 11.69 19.43
CA ARG A 76 -4.73 13.10 19.33
C ARG A 76 -3.84 13.68 18.26
N ILE A 77 -4.42 14.42 17.33
CA ILE A 77 -3.61 15.11 16.32
C ILE A 77 -3.85 16.61 16.37
N ILE A 78 -2.77 17.38 16.33
CA ILE A 78 -2.87 18.83 16.31
C ILE A 78 -2.12 19.34 15.09
N SER A 79 -2.84 20.01 14.20
CA SER A 79 -2.33 20.35 12.89
C SER A 79 -3.18 21.46 12.33
N ASN A 80 -2.55 22.43 11.67
CA ASN A 80 -3.27 23.50 11.02
C ASN A 80 -3.77 23.03 9.66
N SER A 81 -3.36 21.81 9.30
CA SER A 81 -3.82 21.17 8.08
C SER A 81 -5.19 20.55 8.30
N LEU A 82 -5.76 20.81 9.47
CA LEU A 82 -7.11 20.35 9.82
C LEU A 82 -7.91 21.53 10.41
N ASP A 83 -9.18 21.59 10.08
CA ASP A 83 -9.99 22.69 10.51
C ASP A 83 -11.24 22.26 11.24
N GLY A 84 -11.68 23.11 12.15
CA GLY A 84 -12.95 22.95 12.82
C GLY A 84 -12.99 21.75 13.72
N ASP A 85 -13.95 20.87 13.49
CA ASP A 85 -14.07 19.70 14.34
C ASP A 85 -12.68 19.19 14.49
N ALA A 86 -12.05 18.92 13.36
CA ALA A 86 -10.75 18.34 13.36
C ALA A 86 -9.40 18.83 13.82
N ARG A 87 -9.32 20.11 14.16
CA ARG A 87 -8.09 20.81 14.37
C ARG A 87 -7.25 20.27 15.51
N SER A 88 -7.87 20.02 16.66
CA SER A 88 -7.10 19.45 17.76
C SER A 88 -7.84 18.45 18.59
N ARG A 89 -8.25 17.35 18.00
CA ARG A 89 -9.02 16.38 18.80
C ARG A 89 -8.44 14.97 18.70
N ALA A 90 -9.21 13.98 19.16
CA ALA A 90 -8.75 12.60 19.14
C ALA A 90 -9.51 11.74 18.11
N TRP A 91 -8.86 10.68 17.66
CA TRP A 91 -9.37 9.83 16.59
C TRP A 91 -9.01 8.40 16.80
N TYR A 92 -9.85 7.50 16.31
CA TYR A 92 -9.39 6.15 16.05
C TYR A 92 -9.00 6.17 14.58
N VAL A 93 -8.01 5.36 14.21
CA VAL A 93 -7.45 5.36 12.84
C VAL A 93 -7.09 3.95 12.41
N GLY A 94 -7.37 3.63 11.15
CA GLY A 94 -6.97 2.34 10.64
C GLY A 94 -7.91 1.22 11.02
N ALA A 95 -7.34 0.06 11.34
CA ALA A 95 -8.16 -1.11 11.64
C ALA A 95 -9.03 -0.86 12.87
N TYR A 96 -8.47 -0.21 13.90
CA TYR A 96 -9.20 0.00 15.14
C TYR A 96 -10.49 0.76 14.89
N ALA A 97 -10.49 1.56 13.82
CA ALA A 97 -11.63 2.42 13.54
C ALA A 97 -12.63 1.73 12.59
N LYS A 98 -12.24 0.63 11.99
CA LYS A 98 -13.14 -0.09 11.09
C LYS A 98 -14.35 -0.62 11.84
N ASP A 99 -14.26 -0.70 13.17
CA ASP A 99 -15.30 -1.28 14.00
C ASP A 99 -16.22 -0.24 14.62
N GLN A 100 -15.75 1.00 14.71
CA GLN A 100 -16.58 2.09 15.20
C GLN A 100 -17.84 2.24 14.34
N GLU A 101 -18.97 2.51 14.98
CA GLU A 101 -20.25 2.71 14.30
C GLU A 101 -20.15 3.92 13.38
N ASP A 102 -19.55 4.97 13.91
CA ASP A 102 -19.54 6.26 13.27
C ASP A 102 -18.29 6.52 12.46
N ARG A 103 -17.71 5.46 11.97
CA ARG A 103 -16.52 5.51 11.17
C ARG A 103 -16.75 6.24 9.89
N GLN A 104 -15.72 6.89 9.40
CA GLN A 104 -15.79 7.55 8.14
C GLN A 104 -14.89 6.82 7.20
N GLU A 105 -15.41 6.54 6.03
CA GLU A 105 -14.64 5.89 4.98
C GLU A 105 -14.77 6.73 3.73
N PRO A 106 -13.87 6.50 2.76
CA PRO A 106 -14.06 7.21 1.49
C PRO A 106 -15.34 6.78 0.81
N THR A 107 -16.19 7.74 0.46
CA THR A 107 -17.39 7.43 -0.30
C THR A 107 -17.00 7.41 -1.77
N VAL A 108 -17.31 6.31 -2.45
CA VAL A 108 -17.09 6.22 -3.88
C VAL A 108 -18.44 6.36 -4.60
N ASP A 109 -18.39 6.60 -5.90
CA ASP A 109 -19.61 6.83 -6.70
C ASP A 109 -20.32 5.52 -7.04
N GLU A 110 -21.60 5.60 -7.44
CA GLU A 110 -22.27 4.45 -8.04
C GLU A 110 -21.62 4.08 -9.38
N MET A 111 -20.78 4.98 -9.87
CA MET A 111 -19.85 4.70 -10.97
C MET A 111 -18.42 4.65 -10.43
N SER A 119 -11.42 17.40 -1.69
CA SER A 119 -10.83 17.58 -0.40
C SER A 119 -11.86 18.27 0.47
N GLN A 120 -11.37 19.07 1.40
CA GLN A 120 -12.28 19.87 2.19
C GLN A 120 -12.87 19.06 3.30
N LYS A 121 -13.68 18.12 2.85
CA LYS A 121 -14.42 17.31 3.76
C LYS A 121 -13.86 15.96 3.87
N ASN A 122 -13.04 15.60 2.89
CA ASN A 122 -12.33 14.33 2.90
C ASN A 122 -10.97 14.42 3.46
N LYS A 123 -10.38 15.60 3.34
CA LYS A 123 -8.98 15.74 3.48
C LYS A 123 -8.50 15.17 4.75
N LYS A 124 -9.33 15.20 5.76
CA LYS A 124 -8.91 14.60 7.04
C LYS A 124 -8.89 13.10 6.96
N LEU A 125 -9.67 12.54 6.06
CA LEU A 125 -9.75 11.11 5.94
C LEU A 125 -8.47 10.53 5.38
N HIS A 126 -7.72 11.38 4.67
CA HIS A 126 -6.42 10.99 4.15
C HIS A 126 -5.23 11.57 4.91
N LEU A 127 -5.37 12.79 5.40
CA LEU A 127 -4.31 13.38 6.20
C LEU A 127 -4.06 12.65 7.52
N ILE A 128 -5.12 12.24 8.22
CA ILE A 128 -4.97 11.63 9.53
C ILE A 128 -4.29 10.26 9.46
N PRO A 129 -4.72 9.39 8.53
CA PRO A 129 -3.94 8.14 8.47
C PRO A 129 -2.49 8.40 8.03
N LEU A 130 -2.28 9.31 7.09
CA LEU A 130 -0.94 9.79 6.70
C LEU A 130 -0.03 10.24 7.85
N PHE A 131 -0.50 11.20 8.65
CA PHE A 131 0.24 11.66 9.83
C PHE A 131 0.42 10.54 10.84
N THR A 132 -0.61 9.73 11.02
CA THR A 132 -0.51 8.62 11.95
C THR A 132 0.61 7.68 11.52
N SER A 133 0.72 7.42 10.22
CA SER A 133 1.76 6.52 9.77
C SER A 133 3.10 7.16 10.09
N MET A 134 3.15 8.49 9.96
CA MET A 134 4.36 9.25 10.28
C MET A 134 4.70 9.13 11.76
N ALA A 135 3.71 9.28 12.62
CA ALA A 135 3.96 9.15 14.03
C ALA A 135 4.35 7.72 14.43
N VAL A 136 3.82 6.73 13.74
CA VAL A 136 4.12 5.35 14.07
C VAL A 136 5.55 5.02 13.69
N ALA A 137 5.96 5.41 12.48
CA ALA A 137 7.34 5.19 12.06
C ALA A 137 8.34 5.81 13.05
N ALA A 138 8.05 7.04 13.48
CA ALA A 138 8.90 7.76 14.42
C ALA A 138 8.98 7.02 15.75
N ALA A 139 7.84 6.54 16.22
CA ALA A 139 7.81 5.73 17.43
C ALA A 139 8.63 4.48 17.19
N ARG A 140 8.55 3.96 15.98
CA ARG A 140 9.24 2.73 15.66
C ARG A 140 10.76 2.94 15.74
N ILE A 141 11.23 4.15 15.49
CA ILE A 141 12.67 4.42 15.59
C ILE A 141 13.03 5.25 16.82
N GLY A 142 12.22 5.13 17.86
CA GLY A 142 12.49 5.80 19.12
C GLY A 142 12.67 7.31 19.07
N LYS A 143 12.13 7.97 18.05
CA LYS A 143 12.16 9.43 18.01
C LYS A 143 10.83 10.08 18.42
N GLU A 144 10.87 11.36 18.75
CA GLU A 144 9.66 12.12 19.05
C GLU A 144 9.71 13.51 18.42
N GLU A 145 10.84 13.84 17.81
CA GLU A 145 10.90 15.01 16.97
C GLU A 145 11.37 14.56 15.63
N VAL A 146 10.52 14.66 14.61
CA VAL A 146 10.97 14.28 13.27
C VAL A 146 10.69 15.34 12.22
N SER A 147 11.68 15.52 11.35
CA SER A 147 11.50 16.28 10.14
C SER A 147 11.22 15.26 9.05
N VAL A 148 10.11 15.44 8.36
CA VAL A 148 9.69 14.47 7.35
C VAL A 148 9.67 15.09 5.97
N PRO A 149 10.77 14.96 5.22
CA PRO A 149 10.67 15.42 3.83
C PRO A 149 9.72 14.48 3.10
N PHE A 150 8.69 15.03 2.47
CA PHE A 150 7.64 14.21 1.86
C PHE A 150 8.03 13.66 0.48
N SER A 151 7.74 12.38 0.26
CA SER A 151 7.97 11.74 -1.03
C SER A 151 6.71 10.97 -1.40
N GLY A 152 5.90 11.53 -2.29
CA GLY A 152 4.59 10.98 -2.58
C GLY A 152 4.27 10.94 -4.06
N GLY A 153 3.02 10.65 -4.39
CA GLY A 153 2.61 10.53 -5.77
C GLY A 153 1.31 11.28 -5.89
N MET A 154 1.07 11.87 -7.07
CA MET A 154 -0.15 12.63 -7.35
C MET A 154 -1.39 11.77 -7.37
N PRO A 155 -2.55 12.32 -6.94
CA PRO A 155 -3.81 11.56 -6.86
C PRO A 155 -4.38 11.12 -8.21
N ILE A 156 -5.53 10.43 -8.18
CA ILE A 156 -6.20 9.95 -9.39
C ILE A 156 -7.63 10.50 -9.55
N LEU A 161 -6.39 20.42 -10.53
CA LEU A 161 -6.84 21.48 -9.64
C LEU A 161 -5.92 21.52 -8.44
N ARG A 162 -5.26 20.40 -8.22
CA ARG A 162 -4.42 20.17 -7.05
C ARG A 162 -2.96 20.02 -7.48
N GLY A 163 -2.36 21.09 -8.00
CA GLY A 163 -0.97 21.09 -8.41
C GLY A 163 0.00 20.50 -7.38
N GLU A 164 1.16 20.07 -7.85
CA GLU A 164 2.13 19.37 -7.01
C GLU A 164 2.47 20.12 -5.72
N GLU A 165 2.75 21.43 -5.82
CA GLU A 165 3.05 22.22 -4.64
C GLU A 165 1.80 22.84 -4.04
N GLN A 166 0.63 22.34 -4.41
CA GLN A 166 -0.61 22.73 -3.74
C GLN A 166 -1.02 21.60 -2.80
N ILE A 167 -0.69 20.37 -3.20
CA ILE A 167 -0.78 19.21 -2.33
C ILE A 167 0.19 19.39 -1.18
N LEU A 168 1.44 19.70 -1.53
CA LEU A 168 2.51 19.89 -0.56
C LEU A 168 2.15 20.92 0.50
N GLU A 169 1.56 22.04 0.08
CA GLU A 169 1.31 23.14 1.01
C GLU A 169 0.25 22.76 2.05
N MET A 170 -0.60 21.78 1.72
CA MET A 170 -1.50 21.23 2.72
C MET A 170 -0.79 20.41 3.79
N LEU A 171 0.47 20.05 3.55
CA LEU A 171 1.22 19.17 4.47
C LEU A 171 2.29 19.89 5.27
N TYR A 172 2.67 21.08 4.79
CA TYR A 172 3.81 21.77 5.37
C TYR A 172 3.50 22.29 6.77
N GLY A 173 4.54 22.33 7.59
CA GLY A 173 4.42 22.84 8.93
C GLY A 173 4.49 21.76 9.99
N GLU A 174 3.91 22.05 11.14
CA GLU A 174 4.02 21.18 12.29
C GLU A 174 2.71 20.48 12.60
N HIS A 175 2.81 19.20 12.95
CA HIS A 175 1.68 18.38 13.37
C HIS A 175 2.12 17.52 14.55
N THR A 176 1.28 17.40 15.56
CA THR A 176 1.64 16.60 16.71
C THR A 176 0.67 15.44 16.82
N VAL A 177 1.20 14.24 16.99
CA VAL A 177 0.36 13.07 17.13
C VAL A 177 0.60 12.47 18.48
N GLU A 178 -0.42 12.43 19.33
CA GLU A 178 -0.25 11.81 20.64
C GLU A 178 -0.99 10.49 20.73
N PHE A 179 -0.28 9.45 21.12
CA PHE A 179 -0.89 8.14 21.31
C PHE A 179 -1.60 8.05 22.64
N LEU A 180 -2.91 7.88 22.61
CA LEU A 180 -3.69 7.87 23.84
C LEU A 180 -3.92 6.44 24.29
N ASP A 181 -3.37 5.51 23.51
CA ASP A 181 -3.55 4.09 23.77
C ASP A 181 -2.60 3.28 22.90
N GLY A 182 -2.74 1.96 22.96
CA GLY A 182 -1.90 1.09 22.17
C GLY A 182 -0.50 0.98 22.71
N THR A 183 0.41 0.54 21.84
CA THR A 183 1.78 0.26 22.22
C THR A 183 2.56 1.52 22.61
N TYR A 184 2.08 2.68 22.16
CA TYR A 184 2.87 3.89 22.29
C TYR A 184 2.23 4.91 23.21
N GLU A 185 1.20 4.48 23.95
CA GLU A 185 0.43 5.35 24.84
C GLU A 185 1.32 6.30 25.61
N GLY A 186 1.07 7.59 25.50
CA GLY A 186 1.88 8.55 26.21
C GLY A 186 2.94 9.25 25.37
N LYS A 187 3.28 8.64 24.23
CA LYS A 187 4.21 9.26 23.29
C LYS A 187 3.53 10.41 22.54
N LYS A 188 4.24 11.53 22.40
CA LYS A 188 3.86 12.62 21.51
C LYS A 188 4.89 12.68 20.38
N ILE A 189 4.43 12.82 19.14
CA ILE A 189 5.37 12.96 18.05
C ILE A 189 5.31 14.36 17.46
N LYS A 190 6.46 14.98 17.27
CA LYS A 190 6.55 16.28 16.62
C LYS A 190 6.97 16.11 15.16
N ILE A 191 6.00 16.14 14.25
CA ILE A 191 6.26 15.96 12.82
C ILE A 191 6.39 17.31 12.14
N THR A 192 7.57 17.60 11.62
CA THR A 192 7.73 18.79 10.80
C THR A 192 7.96 18.43 9.34
N ILE A 193 7.13 19.00 8.48
CA ILE A 193 7.27 18.87 7.05
C ILE A 193 7.58 20.24 6.45
N ASN A 194 8.72 20.36 5.77
CA ASN A 194 9.12 21.60 5.11
C ASN A 194 9.05 21.49 3.60
N ASP A 195 9.54 20.37 3.08
CA ASP A 195 9.69 20.18 1.65
C ASP A 195 9.18 18.83 1.18
N GLY A 196 9.27 18.58 -0.13
CA GLY A 196 8.72 17.38 -0.74
C GLY A 196 8.62 17.38 -2.25
N THR A 197 8.39 16.20 -2.81
CA THR A 197 8.15 16.02 -4.25
C THR A 197 6.92 15.11 -4.41
N MET A 198 6.24 15.25 -5.53
CA MET A 198 5.13 14.34 -5.79
C MET A 198 5.45 13.41 -6.95
N ASN A 199 6.74 13.40 -7.26
CA ASN A 199 7.32 12.53 -8.22
C ASN A 199 6.49 12.50 -9.48
N VAL A 200 6.24 13.69 -10.03
CA VAL A 200 5.13 13.94 -10.92
C VAL A 200 5.31 13.54 -12.36
N GLU A 201 6.24 14.15 -13.05
CA GLU A 201 6.22 13.31 -14.22
C GLU A 201 7.30 12.27 -13.96
N GLY A 202 8.02 12.28 -12.85
CA GLY A 202 9.26 11.62 -12.61
C GLY A 202 9.29 10.13 -12.66
N VAL A 203 10.46 9.68 -12.99
CA VAL A 203 10.77 8.27 -13.10
C VAL A 203 11.15 7.74 -11.75
N SER A 204 10.79 8.47 -10.72
CA SER A 204 10.91 7.97 -9.41
C SER A 204 10.01 6.79 -9.26
N SER A 205 9.01 6.66 -10.10
CA SER A 205 8.07 5.55 -9.97
C SER A 205 8.72 4.16 -10.12
N VAL A 206 9.75 4.05 -10.95
CA VAL A 206 10.29 2.74 -11.29
C VAL A 206 11.50 2.34 -10.43
N LEU A 207 11.92 3.24 -9.55
CA LEU A 207 13.17 3.06 -8.81
C LEU A 207 13.26 1.75 -8.04
N ALA A 208 12.14 1.29 -7.46
CA ALA A 208 12.13 0.06 -6.66
C ALA A 208 12.38 -1.21 -7.50
N ILE A 209 12.32 -1.12 -8.83
CA ILE A 209 12.68 -2.26 -9.68
C ILE A 209 14.18 -2.32 -9.91
N LEU A 210 14.86 -1.22 -9.62
CA LEU A 210 16.28 -1.15 -9.86
C LEU A 210 17.10 -1.18 -8.56
N PHE A 211 16.58 -0.56 -7.50
CA PHE A 211 17.36 -0.40 -6.26
C PHE A 211 16.70 -0.88 -4.98
N ASP A 212 17.53 -1.20 -4.01
CA ASP A 212 17.08 -1.51 -2.66
C ASP A 212 17.79 -0.54 -1.72
N ILE A 213 17.37 -0.49 -0.47
CA ILE A 213 18.11 0.22 0.52
C ILE A 213 18.50 -0.73 1.62
N VAL A 214 19.79 -0.85 1.82
CA VAL A 214 20.37 -1.65 2.86
C VAL A 214 21.40 -0.77 3.50
N ASN A 215 20.97 0.08 4.41
CA ASN A 215 21.69 1.22 4.98
C ASN A 215 21.91 2.25 3.89
N GLY A 216 22.43 1.82 2.76
CA GLY A 216 22.75 2.66 1.63
C GLY A 216 22.22 2.03 0.38
N GLU A 217 22.28 2.74 -0.74
CA GLU A 217 21.73 2.25 -1.98
C GLU A 217 22.45 1.08 -2.51
N ILE A 218 21.74 0.02 -2.80
CA ILE A 218 22.35 -1.08 -3.51
C ILE A 218 21.60 -1.36 -4.80
N VAL A 219 22.35 -1.65 -5.87
CA VAL A 219 21.70 -2.07 -7.08
C VAL A 219 21.06 -3.45 -6.86
N GLU A 220 20.01 -3.76 -7.62
CA GLU A 220 19.39 -5.06 -7.42
C GLU A 220 19.71 -5.98 -8.61
N VAL A 221 19.85 -7.25 -8.28
CA VAL A 221 20.68 -8.11 -9.11
C VAL A 221 20.08 -8.51 -10.48
N GLU A 222 18.76 -8.44 -10.67
CA GLU A 222 18.21 -8.54 -12.05
C GLU A 222 17.17 -7.46 -12.44
N GLY A 223 16.63 -7.58 -13.64
CA GLY A 223 16.34 -6.42 -14.45
C GLY A 223 17.77 -6.09 -14.86
N MET A 224 18.30 -6.61 -15.98
CA MET A 224 17.71 -6.98 -17.28
C MET A 224 16.81 -5.83 -17.74
N ASP A 225 17.42 -4.65 -17.62
CA ASP A 225 16.91 -3.36 -18.07
C ASP A 225 16.31 -3.43 -19.46
N GLY A 229 13.23 -0.02 -21.05
CA GLY A 229 14.29 0.68 -21.77
C GLY A 229 14.07 2.17 -21.87
N GLU A 230 13.61 2.62 -23.04
CA GLU A 230 13.18 4.00 -23.23
C GLU A 230 11.67 4.02 -23.27
N SER A 231 11.09 2.89 -22.90
CA SER A 231 9.68 2.63 -23.07
C SER A 231 9.27 1.48 -22.17
N TYR A 232 8.62 1.77 -21.06
CA TYR A 232 8.22 0.69 -20.21
C TYR A 232 6.88 0.98 -19.56
N ALA A 233 6.09 -0.07 -19.34
CA ALA A 233 4.87 0.10 -18.60
C ALA A 233 5.13 -0.23 -17.14
N ILE A 234 4.44 0.46 -16.24
CA ILE A 234 4.36 -0.03 -14.87
C ILE A 234 2.89 -0.33 -14.56
N ASN A 235 2.60 -1.59 -14.36
CA ASN A 235 1.27 -2.03 -13.98
C ASN A 235 1.22 -2.32 -12.50
N ASP A 236 0.57 -1.43 -11.75
CA ASP A 236 0.45 -1.62 -10.31
C ASP A 236 -0.89 -2.29 -10.08
N LEU A 237 -0.87 -3.58 -9.77
CA LEU A 237 -2.09 -4.34 -9.53
C LEU A 237 -2.54 -4.22 -8.06
N GLY A 238 -3.64 -3.49 -7.84
CA GLY A 238 -4.05 -3.18 -6.49
C GLY A 238 -5.34 -3.84 -6.03
N ALA A 239 -5.74 -3.50 -4.80
CA ALA A 239 -6.94 -4.05 -4.17
C ALA A 239 -8.23 -3.70 -4.92
N GLY A 240 -8.49 -2.41 -5.13
CA GLY A 240 -9.65 -1.97 -5.91
C GLY A 240 -9.36 -1.49 -7.33
N THR A 241 -8.09 -1.33 -7.66
CA THR A 241 -7.73 -0.66 -8.91
C THR A 241 -6.51 -1.31 -9.55
N SER A 242 -6.46 -1.29 -10.87
CA SER A 242 -5.20 -1.55 -11.55
C SER A 242 -4.73 -0.26 -12.20
N ASP A 243 -3.56 0.20 -11.78
CA ASP A 243 -2.88 1.32 -12.42
C ASP A 243 -2.05 0.82 -13.59
N ASN A 244 -2.37 1.30 -14.78
CA ASN A 244 -1.65 0.92 -15.99
C ASN A 244 -0.87 2.09 -16.59
N ALA A 245 0.33 2.35 -16.08
CA ALA A 245 1.07 3.55 -16.48
C ALA A 245 2.12 3.27 -17.56
N PHE A 246 2.30 4.24 -18.45
CA PHE A 246 3.24 4.07 -19.55
C PHE A 246 4.28 5.19 -19.56
N PHE A 247 5.52 4.81 -19.83
CA PHE A 247 6.63 5.73 -19.73
C PHE A 247 7.41 5.78 -21.03
N GLU A 248 7.55 6.99 -21.55
CA GLU A 248 8.41 7.25 -22.69
C GLU A 248 9.41 8.29 -22.27
N ASP A 249 10.68 7.94 -22.41
CA ASP A 249 11.78 8.79 -21.95
C ASP A 249 11.64 8.95 -20.44
N GLY A 250 11.09 7.92 -19.82
CA GLY A 250 10.89 7.92 -18.39
C GLY A 250 9.86 8.89 -17.85
N GLU A 251 9.30 9.74 -18.71
CA GLU A 251 8.17 10.58 -18.30
C GLU A 251 6.83 9.96 -18.72
N LEU A 252 5.78 10.27 -17.96
CA LEU A 252 4.51 9.58 -18.11
C LEU A 252 3.70 10.10 -19.28
N ASN A 253 3.49 9.25 -20.29
CA ASN A 253 2.52 9.48 -21.34
C ASN A 253 1.12 9.52 -20.75
N LYS A 254 0.58 10.73 -20.50
CA LYS A 254 -0.75 10.86 -19.90
C LYS A 254 -1.88 10.25 -20.73
N LYS A 255 -1.74 10.22 -22.05
CA LYS A 255 -2.82 9.71 -22.88
C LYS A 255 -2.97 8.22 -22.59
N LEU A 256 -2.05 7.41 -23.11
CA LEU A 256 -2.15 5.96 -23.00
C LEU A 256 -2.26 5.41 -21.57
N SER A 257 -1.52 6.01 -20.63
CA SER A 257 -1.60 5.61 -19.23
C SER A 257 -3.03 5.71 -18.71
N THR A 258 -3.47 4.68 -17.99
CA THR A 258 -4.84 4.63 -17.51
C THR A 258 -4.93 3.99 -16.11
N ASN A 259 -6.13 3.96 -15.54
CA ASN A 259 -6.41 3.37 -14.23
C ASN A 259 -7.79 2.74 -14.23
N THR A 260 -7.81 1.43 -14.24
CA THR A 260 -9.02 0.67 -14.21
C THR A 260 -9.36 0.27 -12.82
N ASP A 261 -10.44 -0.45 -12.71
CA ASP A 261 -10.96 -0.91 -11.44
C ASP A 261 -10.78 -2.39 -11.32
N LEU A 262 -9.84 -2.94 -12.06
CA LEU A 262 -9.58 -4.33 -12.01
C LEU A 262 -8.70 -4.65 -10.79
N GLY A 263 -9.33 -4.60 -9.66
CA GLY A 263 -8.77 -4.99 -8.39
C GLY A 263 -8.88 -6.44 -8.05
N THR A 264 -8.13 -6.87 -7.08
CA THR A 264 -8.33 -8.12 -6.44
C THR A 264 -9.65 -8.26 -5.70
N ASN A 265 -10.10 -7.21 -5.09
CA ASN A 265 -11.18 -7.29 -4.10
C ASN A 265 -12.41 -8.04 -4.58
N LYS A 266 -12.79 -7.81 -5.82
CA LYS A 266 -13.94 -8.51 -6.39
C LYS A 266 -13.72 -10.03 -6.40
N TYR A 267 -12.55 -10.46 -6.85
CA TYR A 267 -12.20 -11.88 -6.87
C TYR A 267 -12.17 -12.42 -5.45
N ILE A 268 -11.57 -11.66 -4.55
CA ILE A 268 -11.56 -12.05 -3.13
C ILE A 268 -12.98 -12.20 -2.61
N ASP A 269 -13.85 -11.25 -2.95
CA ASP A 269 -15.24 -11.35 -2.52
C ASP A 269 -15.95 -12.59 -3.06
N GLU A 270 -15.64 -12.97 -4.29
CA GLU A 270 -16.22 -14.17 -4.83
C GLU A 270 -15.73 -15.42 -4.07
N ILE A 271 -14.42 -15.50 -3.85
CA ILE A 271 -13.85 -16.63 -3.13
C ILE A 271 -14.49 -16.76 -1.76
N LEU A 272 -14.61 -15.65 -1.04
CA LEU A 272 -15.17 -15.72 0.31
C LEU A 272 -16.63 -16.17 0.27
N LYS A 273 -17.35 -15.83 -0.80
CA LYS A 273 -18.75 -16.20 -0.87
C LYS A 273 -18.87 -17.71 -1.07
N ASN A 274 -17.99 -18.28 -1.88
CA ASN A 274 -18.06 -19.71 -2.14
C ASN A 274 -17.64 -20.54 -0.93
N ILE A 275 -16.64 -20.06 -0.20
CA ILE A 275 -16.22 -20.67 1.07
C ILE A 275 -17.41 -20.75 2.04
N LYS A 276 -18.07 -19.62 2.28
CA LYS A 276 -19.22 -19.60 3.15
C LYS A 276 -20.33 -20.54 2.65
N GLU A 277 -20.52 -20.60 1.33
CA GLU A 277 -21.50 -21.54 0.79
C GLU A 277 -21.14 -22.99 1.11
N ARG A 278 -19.88 -23.38 0.92
CA ARG A 278 -19.46 -24.74 1.24
C ARG A 278 -19.65 -25.10 2.71
N PHE A 279 -19.42 -24.14 3.59
CA PHE A 279 -19.65 -24.38 5.00
C PHE A 279 -21.14 -24.49 5.29
N MET A 280 -21.97 -24.18 4.29
CA MET A 280 -23.40 -24.15 4.54
C MET A 280 -24.13 -25.43 4.08
N GLU A 281 -23.41 -26.53 4.08
CA GLU A 281 -24.03 -27.86 4.18
C GLU A 281 -23.39 -28.56 5.36
N ASN A 282 -24.21 -28.90 6.35
CA ASN A 282 -23.72 -29.47 7.59
C ASN A 282 -23.01 -30.80 7.35
N SER A 295 -19.52 -15.35 8.82
CA SER A 295 -18.35 -15.50 7.96
C SER A 295 -17.08 -15.88 8.73
N PRO A 296 -16.29 -16.80 8.15
CA PRO A 296 -15.03 -17.29 8.71
C PRO A 296 -13.95 -16.21 8.92
N PHE A 297 -13.98 -15.14 8.12
CA PHE A 297 -13.01 -14.05 8.22
C PHE A 297 -13.69 -12.70 8.45
N LYS A 298 -12.98 -11.76 9.09
CA LYS A 298 -13.50 -10.42 9.41
C LYS A 298 -13.48 -9.47 8.20
N THR A 299 -12.26 -9.15 7.78
CA THR A 299 -12.01 -8.28 6.64
C THR A 299 -11.32 -9.09 5.56
N ARG A 300 -11.16 -8.50 4.38
CA ARG A 300 -10.40 -9.14 3.33
C ARG A 300 -8.94 -9.32 3.76
N GLU A 301 -8.42 -8.40 4.55
CA GLU A 301 -7.01 -8.45 4.94
C GLU A 301 -6.77 -9.60 5.90
N ASP A 302 -7.79 -9.94 6.68
CA ASP A 302 -7.74 -11.10 7.54
C ASP A 302 -7.65 -12.36 6.66
N PHE A 303 -8.50 -12.42 5.64
CA PHE A 303 -8.45 -13.50 4.67
C PHE A 303 -7.06 -13.57 4.04
N ILE A 304 -6.52 -12.42 3.65
CA ILE A 304 -5.23 -12.38 2.98
C ILE A 304 -4.13 -12.76 3.96
N GLN A 305 -4.17 -12.20 5.17
CA GLN A 305 -3.09 -12.36 6.12
C GLN A 305 -3.03 -13.77 6.66
N ARG A 306 -4.16 -14.30 7.11
CA ARG A 306 -4.04 -15.57 7.80
C ARG A 306 -4.22 -16.74 6.85
N LEU A 307 -5.07 -16.66 5.84
CA LEU A 307 -5.25 -17.83 4.97
C LEU A 307 -4.26 -17.86 3.81
N VAL A 308 -4.14 -16.72 3.12
CA VAL A 308 -3.51 -16.72 1.81
C VAL A 308 -2.00 -16.43 1.81
N MET A 309 -1.57 -15.40 2.54
CA MET A 309 -0.15 -15.04 2.54
C MET A 309 0.86 -16.17 2.85
N PRO A 310 0.60 -17.01 3.87
CA PRO A 310 1.63 -18.03 4.12
C PRO A 310 1.79 -19.08 3.00
N GLU A 311 0.70 -19.36 2.30
CA GLU A 311 0.75 -20.27 1.17
C GLU A 311 1.52 -19.65 0.00
N VAL A 312 1.29 -18.36 -0.23
CA VAL A 312 1.99 -17.65 -1.29
C VAL A 312 3.48 -17.55 -0.97
N GLU A 313 3.82 -17.17 0.26
CA GLU A 313 5.22 -17.19 0.69
C GLU A 313 5.94 -18.50 0.31
N LYS A 314 5.36 -19.63 0.71
CA LYS A 314 5.94 -20.92 0.36
C LYS A 314 6.13 -21.07 -1.15
N MET A 315 5.05 -20.84 -1.89
CA MET A 315 5.08 -20.95 -3.34
C MET A 315 6.21 -20.17 -3.98
N ILE A 316 6.50 -19.01 -3.42
CA ILE A 316 7.54 -18.15 -3.97
C ILE A 316 8.91 -18.83 -3.84
N GLU A 317 9.20 -19.35 -2.66
CA GLU A 317 10.54 -19.82 -2.35
C GLU A 317 10.77 -21.26 -2.79
N ASP A 318 9.70 -21.91 -3.22
CA ASP A 318 9.79 -23.25 -3.79
C ASP A 318 8.79 -23.40 -4.93
N ASP A 319 9.31 -23.52 -6.15
CA ASP A 319 8.44 -23.59 -7.32
C ASP A 319 7.59 -24.85 -7.35
N THR A 320 7.99 -25.86 -6.58
CA THR A 320 7.27 -27.13 -6.58
C THR A 320 6.05 -27.13 -5.66
N TYR A 321 6.13 -26.33 -4.59
CA TYR A 321 5.13 -26.37 -3.54
C TYR A 321 3.71 -26.15 -4.04
N LYS A 322 2.90 -27.20 -3.97
CA LYS A 322 1.46 -27.17 -4.25
C LYS A 322 0.72 -26.65 -3.01
N PRO A 323 0.00 -25.52 -3.08
CA PRO A 323 -0.60 -24.91 -1.89
C PRO A 323 -1.90 -25.59 -1.45
N THR A 324 -2.21 -25.48 -0.17
CA THR A 324 -3.49 -25.94 0.34
C THR A 324 -4.10 -24.86 1.20
N PHE A 325 -5.42 -24.72 1.14
CA PHE A 325 -6.11 -23.70 1.93
C PHE A 325 -7.17 -24.30 2.79
N SER A 326 -7.03 -24.12 4.08
CA SER A 326 -8.00 -24.70 4.99
C SER A 326 -8.58 -23.62 5.87
N VAL A 327 -9.88 -23.67 6.05
CA VAL A 327 -10.57 -22.70 6.85
C VAL A 327 -11.24 -23.37 8.03
N LYS A 328 -10.97 -22.87 9.23
CA LYS A 328 -11.68 -23.33 10.42
C LYS A 328 -12.82 -22.40 10.72
N TRP A 329 -14.02 -22.96 10.70
CA TRP A 329 -15.20 -22.21 11.08
C TRP A 329 -16.05 -23.10 12.01
N GLY A 330 -16.47 -22.51 13.14
CA GLY A 330 -17.24 -23.23 14.14
C GLY A 330 -16.62 -24.55 14.53
N PRO A 331 -17.43 -25.62 14.50
CA PRO A 331 -16.98 -27.00 14.72
C PRO A 331 -16.58 -27.70 13.42
N VAL A 332 -16.27 -26.97 12.36
CA VAL A 332 -15.99 -27.60 11.07
C VAL A 332 -14.73 -27.03 10.39
N LYS A 333 -13.97 -27.90 9.76
CA LYS A 333 -12.75 -27.51 9.09
C LYS A 333 -12.78 -27.97 7.63
N GLU A 334 -13.01 -27.04 6.71
CA GLU A 334 -13.07 -27.38 5.30
C GLU A 334 -11.76 -27.13 4.57
N ASN A 335 -11.45 -28.01 3.63
CA ASN A 335 -10.38 -27.76 2.66
C ASN A 335 -10.96 -26.99 1.48
N VAL A 336 -10.57 -25.72 1.35
CA VAL A 336 -11.16 -24.88 0.32
C VAL A 336 -10.14 -24.51 -0.76
N THR A 337 -9.19 -25.40 -1.00
CA THR A 337 -8.07 -25.17 -1.92
C THR A 337 -8.50 -24.91 -3.36
N ASP A 338 -9.42 -25.73 -3.87
CA ASP A 338 -9.97 -25.52 -5.21
C ASP A 338 -10.67 -24.16 -5.32
N ILE A 339 -11.43 -23.81 -4.30
CA ILE A 339 -12.18 -22.55 -4.29
C ILE A 339 -11.24 -21.36 -4.39
N VAL A 340 -10.21 -21.39 -3.55
CA VAL A 340 -9.26 -20.31 -3.44
C VAL A 340 -8.49 -20.23 -4.74
N MET A 341 -7.99 -21.36 -5.21
CA MET A 341 -7.19 -21.39 -6.43
C MET A 341 -7.97 -20.97 -7.67
N ASP A 342 -9.24 -21.36 -7.76
CA ASP A 342 -10.08 -20.91 -8.87
C ASP A 342 -10.14 -19.38 -8.95
N GLY A 343 -10.30 -18.74 -7.80
CA GLY A 343 -10.36 -17.28 -7.77
C GLY A 343 -9.06 -16.64 -8.21
N MET A 344 -7.95 -17.16 -7.71
CA MET A 344 -6.64 -16.63 -8.05
C MET A 344 -6.34 -16.81 -9.51
N LEU A 345 -6.68 -17.97 -10.04
CA LEU A 345 -6.39 -18.24 -11.43
C LEU A 345 -7.26 -17.40 -12.35
N LYS A 346 -8.52 -17.20 -11.99
CA LYS A 346 -9.39 -16.38 -12.80
C LYS A 346 -8.86 -14.96 -12.83
N TYR A 347 -8.29 -14.55 -11.70
CA TYR A 347 -7.72 -13.21 -11.56
C TYR A 347 -6.46 -13.11 -12.38
N ALA A 348 -5.59 -14.12 -12.27
CA ALA A 348 -4.32 -14.06 -12.98
C ALA A 348 -4.60 -13.94 -14.46
N GLU A 349 -5.50 -14.79 -14.94
CA GLU A 349 -5.91 -14.81 -16.33
C GLU A 349 -6.50 -13.48 -16.78
N ASP A 350 -7.41 -12.93 -15.98
CA ASP A 350 -8.00 -11.65 -16.35
C ASP A 350 -6.89 -10.59 -16.45
N GLN A 351 -5.93 -10.64 -15.53
CA GLN A 351 -4.82 -9.69 -15.53
C GLN A 351 -3.87 -9.94 -16.71
N LYS A 352 -3.61 -11.20 -17.03
CA LYS A 352 -2.83 -11.54 -18.24
C LYS A 352 -3.41 -10.89 -19.48
N ALA A 353 -4.73 -10.85 -19.56
CA ALA A 353 -5.41 -10.31 -20.73
C ALA A 353 -5.32 -8.80 -20.71
N SER A 354 -5.47 -8.22 -19.53
CA SER A 354 -5.40 -6.79 -19.38
C SER A 354 -4.00 -6.30 -19.73
N LEU A 355 -3.00 -7.03 -19.26
CA LEU A 355 -1.60 -6.65 -19.49
C LEU A 355 -1.24 -6.68 -20.98
N ASP A 356 -1.71 -7.70 -21.71
CA ASP A 356 -1.48 -7.82 -23.15
C ASP A 356 -2.12 -6.68 -23.91
N LYS A 357 -3.40 -6.47 -23.63
CA LYS A 357 -4.15 -5.35 -24.18
C LYS A 357 -3.47 -3.98 -23.93
N PHE A 358 -2.79 -3.81 -22.79
CA PHE A 358 -2.09 -2.56 -22.55
C PHE A 358 -0.75 -2.59 -23.26
N TRP A 359 -0.18 -3.78 -23.39
CA TRP A 359 1.10 -3.95 -24.07
C TRP A 359 0.99 -3.56 -25.56
N ASP A 360 -0.09 -3.97 -26.22
CA ASP A 360 -0.36 -3.58 -27.61
C ASP A 360 -0.64 -2.10 -27.73
N LYS A 361 -1.46 -1.58 -26.81
CA LYS A 361 -1.85 -0.17 -26.83
C LYS A 361 -0.64 0.77 -26.76
N THR A 362 0.44 0.30 -26.13
CA THR A 362 1.61 1.13 -25.89
C THR A 362 2.81 0.70 -26.73
N ASN A 363 2.86 -0.59 -27.06
CA ASN A 363 3.99 -1.36 -27.54
C ASN A 363 5.29 -0.91 -26.87
N ALA A 364 5.16 -1.05 -25.57
CA ALA A 364 6.26 -0.84 -24.63
C ALA A 364 7.34 -1.92 -24.80
N ASP A 365 8.60 -1.55 -24.57
CA ASP A 365 9.70 -2.51 -24.67
C ASP A 365 9.59 -3.51 -23.52
N LYS A 366 9.36 -3.00 -22.31
CA LYS A 366 9.25 -3.82 -21.12
C LYS A 366 7.99 -3.49 -20.37
N ASN A 367 7.37 -4.50 -19.77
CA ASN A 367 6.20 -4.29 -18.94
C ASN A 367 6.47 -4.73 -17.51
N ILE A 368 6.77 -3.77 -16.64
CA ILE A 368 6.93 -4.10 -15.23
C ILE A 368 5.55 -4.36 -14.60
N VAL A 369 5.46 -5.40 -13.78
CA VAL A 369 4.23 -5.71 -13.07
C VAL A 369 4.45 -5.76 -11.56
N VAL A 370 3.74 -4.92 -10.80
CA VAL A 370 3.96 -4.81 -9.35
C VAL A 370 2.64 -4.78 -8.61
N GLY A 371 2.67 -4.48 -7.32
CA GLY A 371 1.46 -4.38 -6.51
C GLY A 371 1.11 -5.71 -5.83
N GLY A 372 0.13 -5.67 -4.95
CA GLY A 372 -0.21 -6.87 -4.23
C GLY A 372 -0.85 -7.93 -5.11
N GLY A 373 -1.43 -7.54 -6.24
CA GLY A 373 -2.08 -8.49 -7.13
C GLY A 373 -1.12 -9.55 -7.64
N VAL A 374 0.15 -9.18 -7.78
CA VAL A 374 1.20 -10.11 -8.20
C VAL A 374 1.38 -11.26 -7.19
N LEU A 375 1.14 -10.97 -5.92
CA LEU A 375 1.23 -11.97 -4.88
C LEU A 375 -0.07 -12.76 -4.77
N PHE A 376 -1.19 -12.03 -4.78
CA PHE A 376 -2.48 -12.66 -4.64
C PHE A 376 -2.71 -13.65 -5.76
N GLY A 377 -2.43 -13.24 -7.00
CA GLY A 377 -2.58 -14.12 -8.14
C GLY A 377 -1.25 -14.65 -8.63
N TYR A 378 -0.28 -14.83 -7.72
CA TYR A 378 1.04 -15.39 -8.05
C TYR A 378 0.95 -16.74 -8.75
N ALA A 379 -0.04 -17.54 -8.38
CA ALA A 379 -0.19 -18.90 -8.88
C ALA A 379 -0.12 -18.90 -10.39
N GLY A 380 -0.85 -17.98 -11.01
CA GLY A 380 -0.86 -17.86 -12.46
C GLY A 380 0.03 -16.75 -13.01
N LEU A 381 0.31 -15.75 -12.20
CA LEU A 381 1.07 -14.61 -12.70
C LEU A 381 2.57 -14.85 -12.70
N ARG A 382 3.03 -15.85 -11.95
CA ARG A 382 4.46 -16.17 -11.95
C ARG A 382 4.93 -16.58 -13.36
N ASP A 383 3.98 -17.00 -14.20
CA ASP A 383 4.27 -17.38 -15.57
C ASP A 383 4.95 -16.23 -16.31
N LEU A 384 4.70 -15.01 -15.84
CA LEU A 384 5.24 -13.81 -16.47
C LEU A 384 6.74 -13.71 -16.29
N LYS A 385 7.27 -14.46 -15.31
CA LYS A 385 8.72 -14.57 -15.12
C LYS A 385 9.37 -15.17 -16.38
N GLU A 386 8.61 -15.93 -17.14
CA GLU A 386 9.10 -16.53 -18.37
C GLU A 386 9.16 -15.55 -19.54
N GLN A 387 8.06 -14.84 -19.80
CA GLN A 387 7.93 -14.07 -21.03
C GLN A 387 8.89 -12.88 -21.12
N ASP A 388 9.16 -12.45 -22.35
CA ASP A 388 10.23 -11.52 -22.65
C ASP A 388 9.90 -10.10 -22.22
N GLY A 389 8.74 -9.62 -22.65
CA GLY A 389 8.36 -8.24 -22.39
C GLY A 389 7.92 -7.91 -20.97
N PHE A 390 8.01 -8.88 -20.07
CA PHE A 390 7.53 -8.69 -18.70
C PHE A 390 8.66 -8.77 -17.70
N ILE A 391 8.60 -7.87 -16.73
CA ILE A 391 9.55 -7.78 -15.64
C ILE A 391 8.75 -7.82 -14.34
N LEU A 392 9.03 -8.79 -13.47
CA LEU A 392 8.48 -8.84 -12.13
C LEU A 392 9.58 -8.45 -11.16
N PRO A 393 9.25 -7.80 -10.05
CA PRO A 393 10.36 -7.61 -9.10
C PRO A 393 11.00 -8.95 -8.71
N LYS A 394 12.31 -8.96 -8.52
CA LYS A 394 13.00 -10.16 -8.07
C LYS A 394 12.57 -10.49 -6.65
N ASN A 395 12.67 -9.49 -5.80
CA ASN A 395 12.18 -9.55 -4.42
C ASN A 395 10.67 -9.50 -4.34
N ILE A 396 10.01 -10.54 -4.85
CA ILE A 396 8.58 -10.48 -5.08
C ILE A 396 7.79 -10.18 -3.81
N GLN A 397 8.29 -10.58 -2.63
CA GLN A 397 7.54 -10.38 -1.39
C GLN A 397 7.26 -8.90 -1.13
N GLU A 398 8.14 -8.03 -1.61
CA GLU A 398 7.95 -6.60 -1.40
C GLU A 398 7.22 -5.96 -2.57
N SER A 399 6.45 -6.77 -3.29
CA SER A 399 5.74 -6.28 -4.47
C SER A 399 4.63 -5.29 -4.15
N ALA A 400 3.89 -5.53 -3.08
CA ALA A 400 2.82 -4.61 -2.69
C ALA A 400 3.33 -3.20 -2.34
N TYR A 401 4.53 -3.11 -1.77
CA TYR A 401 5.09 -1.83 -1.37
C TYR A 401 5.97 -1.21 -2.44
N PHE A 402 5.85 -1.67 -3.68
CA PHE A 402 6.71 -1.21 -4.76
C PHE A 402 6.72 0.31 -4.92
N THR A 403 5.56 0.90 -5.12
CA THR A 403 5.45 2.34 -5.24
C THR A 403 5.98 3.11 -3.99
N SER A 404 5.66 2.67 -2.77
CA SER A 404 6.15 3.41 -1.61
C SER A 404 7.66 3.27 -1.58
N ARG A 405 8.14 2.05 -1.82
CA ARG A 405 9.57 1.81 -1.90
C ARG A 405 10.26 2.72 -2.95
N SER A 406 9.65 2.93 -4.10
CA SER A 406 10.24 3.80 -5.11
C SER A 406 10.36 5.24 -4.62
N TYR A 407 9.29 5.72 -4.01
CA TYR A 407 9.28 7.04 -3.42
C TYR A 407 10.36 7.19 -2.35
N LEU A 408 10.53 6.15 -1.54
CA LEU A 408 11.48 6.18 -0.43
C LEU A 408 12.90 6.27 -0.97
N ILE A 409 13.18 5.46 -1.97
CA ILE A 409 14.45 5.52 -2.67
C ILE A 409 14.65 6.90 -3.31
N ALA A 410 13.63 7.39 -4.02
CA ALA A 410 13.65 8.73 -4.58
C ALA A 410 14.00 9.76 -3.53
N ASN A 411 13.42 9.58 -2.35
CA ASN A 411 13.61 10.54 -1.28
C ASN A 411 15.07 10.52 -0.84
N LEU A 412 15.64 9.33 -0.66
CA LEU A 412 17.03 9.21 -0.23
C LEU A 412 18.02 9.85 -1.21
N LEU A 413 17.75 9.75 -2.52
CA LEU A 413 18.60 10.37 -3.54
C LEU A 413 18.52 11.89 -3.44
N GLU A 414 17.32 12.39 -3.16
CA GLU A 414 17.12 13.82 -2.98
C GLU A 414 18.01 14.33 -1.85
N GLN A 415 18.00 13.61 -0.73
CA GLN A 415 18.81 13.99 0.41
C GLN A 415 20.28 13.99 0.07
N LEU A 416 20.71 13.01 -0.73
CA LEU A 416 22.10 12.94 -1.17
C LEU A 416 22.39 13.96 -2.29
N ASN A 417 21.37 14.73 -2.67
CA ASN A 417 21.45 15.79 -3.68
C ASN A 417 21.86 15.27 -5.06
PG ATP B . -5.16 0.20 -4.46
O1G ATP B . -6.62 -0.08 -4.75
O2G ATP B . -4.89 1.31 -3.47
O3G ATP B . -4.28 0.23 -5.71
PB ATP B . -3.50 -1.25 -2.63
O1B ATP B . -4.04 -1.01 -1.25
O2B ATP B . -2.26 -0.54 -3.16
O3B ATP B . -4.67 -1.13 -3.72
PA ATP B . -2.08 -3.71 -2.69
O1A ATP B . -1.35 -3.36 -1.40
O2A ATP B . -1.40 -3.50 -4.01
O3A ATP B . -3.42 -2.86 -2.78
O5' ATP B . -2.64 -5.20 -2.64
C5' ATP B . -3.53 -5.66 -3.66
C4' ATP B . -4.02 -7.04 -3.27
O4' ATP B . -2.94 -7.95 -3.03
C3' ATP B . -4.82 -6.95 -1.99
O3' ATP B . -6.00 -7.75 -2.12
C2' ATP B . -3.89 -7.51 -0.94
O2' ATP B . -4.59 -8.02 0.19
C1' ATP B . -3.13 -8.56 -1.76
N9 ATP B . -1.83 -8.95 -1.18
C8 ATP B . -0.89 -8.15 -0.70
N7 ATP B . 0.20 -8.84 -0.27
C5 ATP B . -0.05 -10.14 -0.48
C6 ATP B . 0.67 -11.41 -0.26
N6 ATP B . 1.90 -11.41 0.29
N1 ATP B . 0.05 -12.55 -0.62
C2 ATP B . -1.17 -12.54 -1.16
N3 ATP B . -1.90 -11.44 -1.41
C4 ATP B . -1.39 -10.22 -1.08
MG MG C . -2.29 0.57 -4.94
#